data_3L7Y
#
_entry.id   3L7Y
#
_cell.length_a   77.094
_cell.length_b   80.198
_cell.length_c   47.937
_cell.angle_alpha   90.00
_cell.angle_beta   99.51
_cell.angle_gamma   90.00
#
_symmetry.space_group_name_H-M   'C 1 2 1'
#
loop_
_entity.id
_entity.type
_entity.pdbx_description
1 polymer 'Putative uncharacterized protein smu.1108c'
2 non-polymer 'MAGNESIUM ION'
3 water water
#
_entity_poly.entity_id   1
_entity_poly.type   'polypeptide(L)'
_entity_poly.pdbx_seq_one_letter_code
;MGSSHHHHHHSSGLVPRGSHMASMTGGQQMGRGSMSVKVIATDMDGTFLNSKGSYDHNRFQRILKQLQERDIRFVVASSN
PYRQLREHFPDCHEQLTFVGENGANIISKNQSLIEVFQQREDIASIIYFIEEKYPQAVIALSGEKKGYLKKGVSENIVKM
LSPFFPVLELVNSFSPLPDERFFKLTLQVKEEESAQIMKAIADYKTSQRLVGTASGFGYIDIITKGLHKGWALQQLLKRW
NFTSDHLMAFGDGGNDIEMLKLAKYSYAMANAPKNVKAAANYQAKSNDESGVLDVIDNYLASID
;
_entity_poly.pdbx_strand_id   A
#
# COMPACT_ATOMS: atom_id res chain seq x y z
N SER A 36 -11.57 -0.78 -22.67
CA SER A 36 -10.52 -1.72 -23.06
C SER A 36 -9.54 -2.00 -21.92
N VAL A 37 -10.02 -2.63 -20.86
CA VAL A 37 -9.21 -2.83 -19.65
C VAL A 37 -8.41 -4.14 -19.71
N LYS A 38 -7.10 -4.05 -19.48
CA LYS A 38 -6.21 -5.21 -19.48
C LYS A 38 -5.57 -5.49 -18.12
N VAL A 39 -5.49 -4.48 -17.28
CA VAL A 39 -5.06 -4.69 -15.90
C VAL A 39 -5.97 -3.94 -14.95
N ILE A 40 -6.34 -4.60 -13.87
CA ILE A 40 -7.20 -4.03 -12.84
C ILE A 40 -6.39 -4.03 -11.54
N ALA A 41 -6.24 -2.86 -10.93
CA ALA A 41 -5.41 -2.73 -9.74
C ALA A 41 -6.25 -2.15 -8.63
N THR A 42 -6.19 -2.74 -7.46
CA THR A 42 -6.97 -2.20 -6.36
C THR A 42 -6.21 -2.05 -5.07
N ASP A 43 -6.44 -0.92 -4.40
CA ASP A 43 -6.05 -0.78 -3.02
C ASP A 43 -6.84 -1.79 -2.18
N MET A 44 -6.36 -2.09 -0.97
CA MET A 44 -7.02 -3.07 -0.10
C MET A 44 -7.87 -2.45 1.02
N ASP A 45 -7.21 -2.02 2.09
CA ASP A 45 -7.88 -1.37 3.21
C ASP A 45 -8.65 -0.14 2.75
N GLY A 46 -9.95 -0.10 3.02
CA GLY A 46 -10.78 1.06 2.69
C GLY A 46 -11.30 1.07 1.27
N THR A 47 -10.92 0.06 0.50
CA THR A 47 -11.23 -0.01 -0.92
C THR A 47 -11.77 -1.41 -1.27
N PHE A 48 -10.89 -2.36 -1.59
CA PHE A 48 -11.32 -3.74 -1.83
C PHE A 48 -11.94 -4.30 -0.56
N LEU A 49 -11.31 -4.03 0.58
CA LEU A 49 -11.79 -4.52 1.86
C LEU A 49 -12.87 -3.63 2.44
N ASN A 50 -13.87 -4.26 3.04
CA ASN A 50 -14.97 -3.53 3.68
C ASN A 50 -14.49 -3.06 5.05
N SER A 51 -15.36 -2.38 5.80
CA SER A 51 -14.98 -1.86 7.10
C SER A 51 -14.67 -2.96 8.14
N LYS A 52 -15.14 -4.18 7.89
CA LYS A 52 -14.83 -5.31 8.75
C LYS A 52 -13.54 -6.00 8.32
N GLY A 53 -12.95 -5.54 7.22
CA GLY A 53 -11.65 -6.05 6.82
C GLY A 53 -11.76 -7.29 5.96
N SER A 54 -12.96 -7.54 5.44
CA SER A 54 -13.20 -8.73 4.63
C SER A 54 -13.76 -8.31 3.27
N TYR A 55 -14.22 -9.28 2.49
CA TYR A 55 -14.79 -8.98 1.18
C TYR A 55 -15.62 -10.16 0.69
N ASP A 56 -16.36 -9.97 -0.40
CA ASP A 56 -17.25 -10.99 -0.91
C ASP A 56 -16.46 -12.07 -1.64
N HIS A 57 -15.96 -13.04 -0.87
CA HIS A 57 -15.07 -14.05 -1.41
C HIS A 57 -15.66 -14.76 -2.62
N ASN A 58 -16.89 -15.25 -2.49
CA ASN A 58 -17.55 -15.95 -3.57
C ASN A 58 -17.65 -15.10 -4.83
N ARG A 59 -18.17 -13.88 -4.68
CA ARG A 59 -18.37 -13.00 -5.83
C ARG A 59 -17.03 -12.74 -6.48
N PHE A 60 -16.00 -12.54 -5.66
CA PHE A 60 -14.67 -12.27 -6.18
C PHE A 60 -14.10 -13.43 -6.99
N GLN A 61 -14.17 -14.63 -6.43
CA GLN A 61 -13.58 -15.78 -7.12
C GLN A 61 -14.25 -16.02 -8.47
N ARG A 62 -15.55 -15.76 -8.55
CA ARG A 62 -16.27 -15.90 -9.82
C ARG A 62 -15.84 -14.81 -10.79
N ILE A 63 -15.62 -13.61 -10.27
CA ILE A 63 -15.09 -12.53 -11.08
C ILE A 63 -13.69 -12.88 -11.57
N LEU A 64 -12.90 -13.49 -10.69
CA LEU A 64 -11.51 -13.78 -11.01
C LEU A 64 -11.44 -14.76 -12.16
N LYS A 65 -12.31 -15.77 -12.14
CA LYS A 65 -12.38 -16.75 -13.23
C LYS A 65 -12.68 -16.03 -14.53
N GLN A 66 -13.53 -15.05 -14.47
CA GLN A 66 -13.84 -14.31 -15.66
C GLN A 66 -12.69 -13.49 -16.17
N LEU A 67 -12.00 -12.82 -15.26
CA LEU A 67 -10.88 -11.99 -15.66
C LEU A 67 -9.83 -12.86 -16.35
N GLN A 68 -9.57 -14.02 -15.75
CA GLN A 68 -8.54 -14.91 -16.25
C GLN A 68 -8.85 -15.41 -17.66
N GLU A 69 -10.08 -15.86 -17.88
CA GLU A 69 -10.42 -16.38 -19.20
C GLU A 69 -10.44 -15.29 -20.26
N ARG A 70 -10.38 -14.04 -19.85
CA ARG A 70 -10.22 -12.92 -20.74
C ARG A 70 -8.82 -12.32 -20.77
N ASP A 71 -7.89 -12.98 -20.13
CA ASP A 71 -6.59 -12.48 -19.94
C ASP A 71 -6.55 -11.08 -19.35
N ILE A 72 -7.34 -10.81 -18.34
CA ILE A 72 -7.28 -9.54 -17.69
C ILE A 72 -6.50 -9.69 -16.38
N ARG A 73 -5.44 -8.92 -16.22
CA ARG A 73 -4.60 -9.08 -15.04
C ARG A 73 -5.17 -8.40 -13.80
N PHE A 74 -5.01 -9.05 -12.63
CA PHE A 74 -5.53 -8.48 -11.39
C PHE A 74 -4.40 -8.21 -10.42
N VAL A 75 -4.31 -6.97 -9.97
CA VAL A 75 -3.20 -6.50 -9.15
C VAL A 75 -3.70 -5.97 -7.80
N VAL A 76 -3.18 -6.53 -6.73
CA VAL A 76 -3.43 -6.02 -5.39
C VAL A 76 -2.33 -4.98 -5.06
N ALA A 77 -2.70 -3.73 -4.82
CA ALA A 77 -1.72 -2.65 -4.61
C ALA A 77 -1.92 -1.96 -3.27
N SER A 78 -1.02 -2.24 -2.32
CA SER A 78 -1.26 -1.84 -0.95
C SER A 78 0.04 -1.38 -0.24
N SER A 79 -0.10 -0.58 0.80
CA SER A 79 1.05 -0.26 1.63
C SER A 79 1.49 -1.48 2.47
N ASN A 80 0.57 -2.41 2.74
CA ASN A 80 0.89 -3.55 3.61
C ASN A 80 1.93 -4.47 2.98
N PRO A 81 2.59 -5.28 3.83
CA PRO A 81 3.60 -6.19 3.30
C PRO A 81 2.95 -7.31 2.52
N TYR A 82 3.68 -7.84 1.56
CA TYR A 82 3.20 -8.92 0.72
C TYR A 82 2.68 -10.09 1.56
N ARG A 83 3.41 -10.47 2.60
CA ARG A 83 3.06 -11.60 3.42
C ARG A 83 1.69 -11.41 4.02
N GLN A 84 1.31 -10.19 4.30
CA GLN A 84 0.01 -9.93 4.89
C GLN A 84 -1.06 -9.89 3.80
N LEU A 85 -0.69 -9.46 2.59
CA LEU A 85 -1.67 -9.37 1.50
C LEU A 85 -2.10 -10.73 0.98
N ARG A 86 -1.21 -11.71 1.00
CA ARG A 86 -1.53 -12.98 0.37
C ARG A 86 -2.58 -13.71 1.21
N GLU A 87 -2.59 -13.44 2.52
CA GLU A 87 -3.50 -14.13 3.43
C GLU A 87 -4.95 -13.88 3.06
N HIS A 88 -5.19 -12.75 2.38
CA HIS A 88 -6.56 -12.39 1.98
C HIS A 88 -7.05 -13.25 0.80
N PHE A 89 -6.10 -13.88 0.12
CA PHE A 89 -6.41 -14.69 -1.06
C PHE A 89 -5.83 -16.10 -0.90
N PRO A 90 -6.26 -16.80 0.15
CA PRO A 90 -5.62 -18.08 0.53
C PRO A 90 -5.62 -19.07 -0.62
N ASP A 91 -6.69 -19.07 -1.43
CA ASP A 91 -6.87 -20.11 -2.43
C ASP A 91 -6.52 -19.67 -3.85
N CYS A 92 -6.11 -18.42 -4.03
CA CYS A 92 -5.80 -17.98 -5.38
C CYS A 92 -4.67 -16.96 -5.46
N HIS A 93 -4.01 -16.68 -4.34
CA HIS A 93 -2.94 -15.68 -4.31
C HIS A 93 -1.85 -15.93 -5.35
N GLU A 94 -1.65 -17.21 -5.69
CA GLU A 94 -0.60 -17.58 -6.63
C GLU A 94 -0.98 -17.21 -8.07
N GLN A 95 -2.23 -16.78 -8.25
CA GLN A 95 -2.71 -16.38 -9.57
C GLN A 95 -2.76 -14.86 -9.73
N LEU A 96 -2.32 -14.14 -8.70
CA LEU A 96 -2.46 -12.68 -8.74
C LEU A 96 -1.10 -12.00 -8.72
N THR A 97 -1.09 -10.70 -8.98
CA THR A 97 0.12 -9.91 -8.79
C THR A 97 -0.11 -9.01 -7.60
N PHE A 98 0.94 -8.86 -6.77
CA PHE A 98 0.86 -8.09 -5.55
C PHE A 98 1.87 -6.96 -5.57
N VAL A 99 1.42 -5.75 -5.28
CA VAL A 99 2.33 -4.63 -5.03
C VAL A 99 2.20 -4.31 -3.55
N GLY A 100 3.25 -4.60 -2.78
CA GLY A 100 3.24 -4.30 -1.36
C GLY A 100 4.19 -3.17 -1.00
N GLU A 101 4.12 -2.68 0.23
CA GLU A 101 5.02 -1.62 0.71
C GLU A 101 4.86 -0.32 -0.09
N ASN A 102 3.69 -0.16 -0.70
CA ASN A 102 3.38 0.95 -1.62
C ASN A 102 4.07 0.85 -2.95
N GLY A 103 4.95 -0.14 -3.11
CA GLY A 103 5.64 -0.28 -4.39
C GLY A 103 6.97 -0.98 -4.42
N ALA A 104 7.76 -0.89 -3.35
CA ALA A 104 9.11 -1.43 -3.33
C ALA A 104 9.15 -2.95 -3.46
N ASN A 105 8.04 -3.62 -3.16
CA ASN A 105 8.00 -5.09 -3.28
C ASN A 105 6.88 -5.53 -4.18
N ILE A 106 7.25 -6.20 -5.27
CA ILE A 106 6.27 -6.72 -6.22
C ILE A 106 6.45 -8.22 -6.44
N ILE A 107 5.36 -8.95 -6.25
CA ILE A 107 5.31 -10.39 -6.50
C ILE A 107 4.25 -10.69 -7.55
N SER A 108 4.55 -11.60 -8.47
CA SER A 108 3.53 -12.06 -9.43
C SER A 108 3.67 -13.56 -9.64
N LYS A 109 2.55 -14.26 -9.73
CA LYS A 109 2.57 -15.70 -9.87
C LYS A 109 3.41 -16.36 -8.76
N ASN A 110 3.32 -15.80 -7.56
CA ASN A 110 3.98 -16.40 -6.41
C ASN A 110 5.49 -16.30 -6.51
N GLN A 111 5.98 -15.38 -7.34
CA GLN A 111 7.41 -15.17 -7.51
C GLN A 111 7.81 -13.70 -7.35
N SER A 112 8.99 -13.47 -6.81
CA SER A 112 9.46 -12.11 -6.59
C SER A 112 9.88 -11.40 -7.89
N LEU A 113 9.21 -10.31 -8.23
CA LEU A 113 9.58 -9.56 -9.42
C LEU A 113 10.53 -8.44 -9.08
N ILE A 114 10.14 -7.63 -8.09
CA ILE A 114 11.03 -6.58 -7.64
C ILE A 114 11.04 -6.49 -6.11
N GLU A 115 12.22 -6.25 -5.57
CA GLU A 115 12.36 -5.97 -4.15
C GLU A 115 13.43 -4.93 -3.91
N VAL A 116 13.00 -3.74 -3.55
CA VAL A 116 13.92 -2.64 -3.31
C VAL A 116 13.97 -2.34 -1.83
N PHE A 117 15.17 -2.42 -1.27
CA PHE A 117 15.34 -2.20 0.16
C PHE A 117 15.92 -0.82 0.42
N GLN A 118 15.62 -0.28 1.58
CA GLN A 118 16.16 1.04 1.93
C GLN A 118 17.58 0.84 2.46
N GLN A 119 18.40 1.87 2.34
CA GLN A 119 19.79 1.80 2.80
C GLN A 119 19.88 1.94 4.31
N ARG A 120 20.57 1.01 4.98
CA ARG A 120 20.69 1.04 6.44
C ARG A 120 21.06 2.43 6.96
N GLU A 121 21.98 3.09 6.27
CA GLU A 121 22.47 4.42 6.71
C GLU A 121 21.33 5.44 6.67
N ASP A 122 20.46 5.33 5.67
CA ASP A 122 19.34 6.27 5.53
C ASP A 122 18.29 6.03 6.60
N ILE A 123 17.95 4.76 6.78
CA ILE A 123 17.05 4.35 7.84
C ILE A 123 17.54 4.84 9.21
N ALA A 124 18.82 4.64 9.49
CA ALA A 124 19.33 5.01 10.80
C ALA A 124 19.23 6.52 10.93
N SER A 125 19.45 7.22 9.83
CA SER A 125 19.46 8.67 9.90
C SER A 125 18.06 9.29 10.04
N ILE A 126 17.07 8.79 9.29
CA ILE A 126 15.70 9.32 9.43
C ILE A 126 15.12 8.93 10.80
N ILE A 127 15.54 7.78 11.32
CA ILE A 127 15.11 7.36 12.66
C ILE A 127 15.63 8.31 13.74
N TYR A 128 16.90 8.65 13.63
CA TYR A 128 17.53 9.54 14.61
C TYR A 128 16.82 10.90 14.57
N PHE A 129 16.49 11.32 13.37
CA PHE A 129 15.82 12.59 13.17
C PHE A 129 14.41 12.58 13.79
N ILE A 130 13.63 11.53 13.55
CA ILE A 130 12.28 11.46 14.11
C ILE A 130 12.29 11.31 15.64
N GLU A 131 13.18 10.46 16.16
CA GLU A 131 13.31 10.32 17.61
C GLU A 131 13.66 11.66 18.27
N GLU A 132 14.57 12.41 17.67
CA GLU A 132 14.99 13.70 18.22
C GLU A 132 13.95 14.80 18.03
N LYS A 133 13.37 14.87 16.83
CA LYS A 133 12.49 16.00 16.47
C LYS A 133 10.99 15.75 16.68
N TYR A 134 10.54 14.52 16.44
CA TYR A 134 9.15 14.17 16.71
C TYR A 134 9.06 12.95 17.63
N PRO A 135 9.33 13.16 18.91
CA PRO A 135 9.33 12.05 19.87
C PRO A 135 7.93 11.42 19.98
N GLN A 136 6.90 12.12 19.53
CA GLN A 136 5.54 11.58 19.65
C GLN A 136 5.23 10.52 18.60
N ALA A 137 6.03 10.44 17.55
CA ALA A 137 5.74 9.45 16.51
C ALA A 137 6.22 8.07 16.92
N VAL A 138 5.33 7.09 16.81
CA VAL A 138 5.72 5.70 17.01
C VAL A 138 6.33 5.17 15.72
N ILE A 139 7.52 4.61 15.84
CA ILE A 139 8.26 4.16 14.67
C ILE A 139 8.23 2.65 14.52
N ALA A 140 7.73 2.19 13.38
CA ALA A 140 7.78 0.76 13.08
C ALA A 140 8.57 0.49 11.79
N LEU A 141 9.44 -0.51 11.84
CA LEU A 141 10.23 -0.90 10.67
C LEU A 141 9.59 -2.12 10.01
N SER A 142 9.42 -2.05 8.70
CA SER A 142 8.78 -3.12 7.96
C SER A 142 9.83 -3.92 7.18
N GLY A 143 10.21 -5.07 7.72
CA GLY A 143 11.30 -5.87 7.16
C GLY A 143 10.80 -6.95 6.23
N GLU A 144 11.73 -7.73 5.69
CA GLU A 144 11.38 -8.73 4.71
C GLU A 144 10.49 -9.81 5.31
N LYS A 145 10.72 -10.11 6.59
CA LYS A 145 10.06 -11.22 7.26
C LYS A 145 9.24 -10.78 8.46
N LYS A 146 9.62 -9.67 9.07
CA LYS A 146 8.87 -9.21 10.23
C LYS A 146 8.90 -7.71 10.40
N GLY A 147 8.15 -7.21 11.38
CA GLY A 147 8.18 -5.82 11.75
C GLY A 147 8.82 -5.61 13.11
N TYR A 148 9.25 -4.38 13.37
CA TYR A 148 9.93 -4.05 14.62
C TYR A 148 9.36 -2.80 15.26
N LEU A 149 9.17 -2.84 16.57
CA LEU A 149 8.80 -1.68 17.37
C LEU A 149 9.84 -1.57 18.47
N LYS A 150 9.92 -0.40 19.10
CA LYS A 150 10.83 -0.23 20.22
C LYS A 150 10.11 -0.67 21.49
N LYS A 151 10.82 -1.35 22.38
CA LYS A 151 10.23 -1.68 23.67
C LYS A 151 9.87 -0.38 24.37
N GLY A 152 8.75 -0.38 25.08
CA GLY A 152 8.28 0.83 25.74
C GLY A 152 7.01 1.39 25.12
N VAL A 153 6.80 1.08 23.85
CA VAL A 153 5.54 1.41 23.18
C VAL A 153 4.37 0.75 23.92
N SER A 154 3.29 1.50 24.14
CA SER A 154 2.13 0.98 24.87
C SER A 154 1.51 -0.26 24.22
N GLU A 155 1.01 -1.16 25.05
CA GLU A 155 0.36 -2.38 24.57
C GLU A 155 -0.71 -2.07 23.53
N ASN A 156 -1.46 -0.99 23.74
CA ASN A 156 -2.54 -0.60 22.83
C ASN A 156 -2.03 -0.27 21.42
N ILE A 157 -0.90 0.41 21.33
CA ILE A 157 -0.28 0.68 20.03
C ILE A 157 0.19 -0.62 19.42
N VAL A 158 0.85 -1.45 20.24
CA VAL A 158 1.35 -2.73 19.79
C VAL A 158 0.22 -3.55 19.20
N LYS A 159 -0.95 -3.43 19.83
CA LYS A 159 -2.12 -4.17 19.37
C LYS A 159 -2.63 -3.58 18.06
N MET A 160 -2.50 -2.29 17.89
CA MET A 160 -2.91 -1.65 16.65
C MET A 160 -2.15 -2.02 15.39
N LEU A 161 -0.85 -2.18 15.55
CA LEU A 161 0.07 -2.26 14.45
C LEU A 161 0.26 -3.66 14.08
N SER A 162 0.16 -4.52 15.06
CA SER A 162 0.44 -5.92 14.94
C SER A 162 -0.36 -6.58 13.82
N PRO A 163 -1.25 -5.81 13.22
CA PRO A 163 -2.11 -6.37 12.22
C PRO A 163 -1.51 -6.13 10.88
N PHE A 164 -0.67 -5.12 10.81
CA PHE A 164 -0.04 -4.74 9.59
C PHE A 164 1.28 -5.45 9.43
N PHE A 165 1.51 -6.52 10.17
CA PHE A 165 2.79 -7.24 10.19
C PHE A 165 2.61 -8.71 10.48
N PRO A 166 3.40 -9.56 9.78
CA PRO A 166 3.27 -11.00 9.99
C PRO A 166 3.64 -11.26 11.42
N VAL A 167 4.82 -10.77 11.74
CA VAL A 167 5.42 -10.97 13.03
C VAL A 167 5.91 -9.62 13.50
N LEU A 168 5.81 -9.37 14.81
CA LEU A 168 6.18 -8.08 15.35
C LEU A 168 7.12 -8.26 16.54
N GLU A 169 8.35 -7.77 16.40
CA GLU A 169 9.37 -7.92 17.43
C GLU A 169 9.68 -6.60 18.11
N LEU A 170 9.81 -6.62 19.44
CA LEU A 170 10.18 -5.44 20.21
C LEU A 170 11.67 -5.41 20.56
N VAL A 171 12.35 -4.30 20.26
CA VAL A 171 13.78 -4.12 20.56
C VAL A 171 14.04 -2.92 21.48
N ASN A 172 15.16 -2.92 22.21
CA ASN A 172 15.43 -1.81 23.15
C ASN A 172 16.07 -0.63 22.48
N SER A 173 16.50 -0.81 21.25
CA SER A 173 17.06 0.29 20.49
C SER A 173 17.10 -0.07 19.02
N PHE A 174 17.02 0.98 18.20
CA PHE A 174 17.15 0.84 16.76
C PHE A 174 18.59 1.06 16.28
N SER A 175 19.53 1.26 17.21
CA SER A 175 20.90 1.55 16.78
C SER A 175 21.97 0.65 17.44
N PRO A 176 22.63 -0.19 16.63
CA PRO A 176 22.40 -0.36 15.19
C PRO A 176 21.08 -1.07 14.90
N LEU A 177 20.78 -1.24 13.62
CA LEU A 177 19.50 -1.80 13.18
C LEU A 177 19.52 -3.33 13.27
N PRO A 178 18.33 -3.96 13.32
CA PRO A 178 18.23 -5.42 13.40
C PRO A 178 18.83 -6.08 12.17
N GLU A 180 17.81 -7.64 9.57
CA GLU A 180 16.87 -7.80 8.46
C GLU A 180 16.96 -6.66 7.45
N ARG A 181 16.42 -6.89 6.26
CA ARG A 181 16.35 -5.88 5.22
C ARG A 181 14.95 -5.28 5.25
N PHE A 182 14.87 -3.97 5.00
CA PHE A 182 13.64 -3.23 5.24
C PHE A 182 13.08 -2.57 3.98
N PHE A 183 11.79 -2.74 3.76
CA PHE A 183 11.14 -2.14 2.59
C PHE A 183 10.68 -0.72 2.85
N LYS A 184 10.22 -0.47 4.08
CA LYS A 184 9.66 0.82 4.44
C LYS A 184 9.66 0.98 5.96
N LEU A 185 9.37 2.19 6.42
CA LEU A 185 9.03 2.40 7.82
C LEU A 185 7.63 2.95 7.94
N THR A 186 7.06 2.87 9.13
CA THR A 186 5.74 3.48 9.35
C THR A 186 5.75 4.31 10.61
N LEU A 187 5.21 5.52 10.51
CA LEU A 187 5.03 6.35 11.69
C LEU A 187 3.56 6.36 12.07
N GLN A 188 3.27 6.15 13.34
CA GLN A 188 1.92 6.39 13.83
C GLN A 188 1.91 7.74 14.52
N VAL A 189 1.04 8.61 14.03
CA VAL A 189 1.07 10.01 14.41
C VAL A 189 -0.35 10.52 14.50
N LYS A 190 -0.53 11.65 15.16
CA LYS A 190 -1.83 12.32 15.15
C LYS A 190 -2.10 12.78 13.72
N GLU A 191 -3.28 12.48 13.19
CA GLU A 191 -3.58 12.86 11.81
C GLU A 191 -3.31 14.34 11.59
N GLU A 192 -3.49 15.16 12.62
CA GLU A 192 -3.37 16.61 12.45
C GLU A 192 -1.92 17.11 12.37
N GLU A 193 -0.97 16.25 12.72
CA GLU A 193 0.45 16.63 12.63
C GLU A 193 1.10 15.97 11.42
N SER A 194 0.28 15.20 10.72
CA SER A 194 0.75 14.36 9.63
C SER A 194 1.45 15.14 8.54
N ALA A 195 0.79 16.17 8.02
CA ALA A 195 1.36 17.02 6.98
C ALA A 195 2.68 17.63 7.43
N GLN A 196 2.70 18.16 8.64
CA GLN A 196 3.90 18.80 9.18
C GLN A 196 5.09 17.86 9.21
N ILE A 197 4.84 16.62 9.61
CA ILE A 197 5.93 15.66 9.81
C ILE A 197 6.42 15.16 8.47
N MET A 198 5.49 15.01 7.54
CA MET A 198 5.84 14.64 6.18
C MET A 198 6.71 15.72 5.53
N LYS A 199 6.37 16.98 5.75
CA LYS A 199 7.19 18.07 5.21
C LYS A 199 8.58 18.10 5.86
N ALA A 200 8.64 17.85 7.17
CA ALA A 200 9.91 17.78 7.88
C ALA A 200 10.79 16.68 7.29
N ILE A 201 10.17 15.56 6.96
CA ILE A 201 10.88 14.46 6.31
C ILE A 201 11.39 14.87 4.94
N ALA A 202 10.51 15.49 4.15
CA ALA A 202 10.86 15.92 2.80
C ALA A 202 12.00 16.95 2.82
N ASP A 203 12.14 17.66 3.92
CA ASP A 203 13.16 18.73 4.03
C ASP A 203 14.46 18.25 4.64
N TYR A 204 14.52 16.96 5.00
CA TYR A 204 15.68 16.42 5.72
C TYR A 204 16.78 15.95 4.77
N LYS A 205 17.97 15.71 5.31
CA LYS A 205 19.10 15.33 4.46
C LYS A 205 18.88 14.02 3.69
N THR A 206 17.97 13.17 4.15
CA THR A 206 17.70 11.92 3.42
C THR A 206 16.74 12.13 2.25
N SER A 207 16.47 13.39 1.95
CA SER A 207 15.41 13.77 1.00
C SER A 207 15.37 13.04 -0.32
N GLN A 208 16.53 12.76 -0.91
CA GLN A 208 16.52 12.17 -2.24
C GLN A 208 16.19 10.67 -2.20
N ARG A 209 16.25 10.10 -1.01
CA ARG A 209 16.08 8.67 -0.82
C ARG A 209 14.76 8.32 -0.13
N LEU A 210 14.33 9.13 0.84
CA LEU A 210 13.18 8.78 1.67
C LEU A 210 12.09 9.84 1.65
N VAL A 211 10.85 9.40 1.53
CA VAL A 211 9.73 10.33 1.52
C VAL A 211 8.52 9.71 2.19
N GLY A 212 7.73 10.53 2.87
CA GLY A 212 6.52 10.07 3.53
C GLY A 212 5.33 10.13 2.59
N THR A 213 4.41 9.20 2.79
CA THR A 213 3.16 9.22 2.03
C THR A 213 2.07 8.82 3.01
N ALA A 214 0.97 9.57 3.05
CA ALA A 214 -0.13 9.20 3.94
C ALA A 214 -0.73 7.86 3.50
N SER A 215 -0.60 6.87 4.38
CA SER A 215 -1.10 5.53 4.15
C SER A 215 -2.26 5.19 5.08
N GLY A 216 -2.99 6.21 5.53
CA GLY A 216 -4.13 5.99 6.39
C GLY A 216 -4.27 7.06 7.46
N PHE A 217 -5.44 7.09 8.10
CA PHE A 217 -5.70 8.07 9.16
C PHE A 217 -4.76 7.83 10.33
N GLY A 218 -3.89 8.80 10.60
CA GLY A 218 -2.91 8.67 11.66
C GLY A 218 -1.68 7.85 11.29
N TYR A 219 -1.43 7.66 10.00
CA TYR A 219 -0.26 6.88 9.56
C TYR A 219 0.54 7.55 8.43
N ILE A 220 1.86 7.43 8.50
CA ILE A 220 2.75 7.86 7.42
C ILE A 220 3.70 6.72 7.10
N ASP A 221 3.73 6.31 5.85
CA ASP A 221 4.73 5.35 5.41
C ASP A 221 5.88 6.15 4.88
N ILE A 222 7.08 5.81 5.34
CA ILE A 222 8.30 6.41 4.82
C ILE A 222 8.87 5.44 3.81
N ILE A 223 8.67 5.74 2.53
CA ILE A 223 9.09 4.85 1.48
C ILE A 223 10.31 5.40 0.77
N THR A 224 10.95 4.54 0.00
CA THR A 224 11.99 4.95 -0.93
C THR A 224 11.35 5.92 -1.93
N LYS A 225 11.90 7.13 -1.99
CA LYS A 225 11.32 8.17 -2.83
C LYS A 225 11.09 7.69 -4.25
N GLY A 226 9.89 7.92 -4.75
CA GLY A 226 9.55 7.53 -6.11
C GLY A 226 8.95 6.15 -6.25
N LEU A 227 9.09 5.32 -5.22
CA LEU A 227 8.57 3.94 -5.31
C LEU A 227 7.13 3.85 -4.77
N HIS A 228 6.22 4.56 -5.44
CA HIS A 228 4.82 4.60 -5.03
C HIS A 228 3.98 3.70 -5.94
N LYS A 229 2.68 3.57 -5.66
CA LYS A 229 1.88 2.59 -6.37
C LYS A 229 1.75 2.93 -7.86
N GLY A 230 1.83 4.22 -8.19
CA GLY A 230 1.86 4.66 -9.57
C GLY A 230 3.09 4.12 -10.28
N TRP A 231 4.25 4.27 -9.66
CA TRP A 231 5.50 3.69 -10.14
C TRP A 231 5.39 2.17 -10.30
N ALA A 232 4.80 1.52 -9.34
CA ALA A 232 4.64 0.09 -9.37
C ALA A 232 3.83 -0.33 -10.60
N LEU A 233 2.66 0.24 -10.78
CA LEU A 233 1.84 -0.04 -11.94
C LEU A 233 2.52 0.31 -13.26
N GLN A 234 3.25 1.39 -13.31
CA GLN A 234 4.02 1.70 -14.50
C GLN A 234 4.96 0.54 -14.84
N GLN A 235 5.67 0.05 -13.83
CA GLN A 235 6.58 -1.06 -14.05
C GLN A 235 5.85 -2.29 -14.61
N LEU A 236 4.64 -2.53 -14.14
CA LEU A 236 3.91 -3.71 -14.57
C LEU A 236 3.34 -3.52 -15.98
N LEU A 237 2.76 -2.36 -16.22
CA LEU A 237 2.31 -1.99 -17.57
C LEU A 237 3.47 -2.11 -18.57
N LYS A 238 4.62 -1.54 -18.22
CA LYS A 238 5.79 -1.56 -19.10
C LYS A 238 6.23 -3.00 -19.37
N ARG A 239 6.11 -3.84 -18.36
CA ARG A 239 6.53 -5.23 -18.48
C ARG A 239 5.53 -6.07 -19.29
N TRP A 240 4.24 -5.76 -19.16
CA TRP A 240 3.22 -6.49 -19.90
C TRP A 240 2.91 -5.81 -21.24
N ASN A 241 3.69 -4.79 -21.56
CA ASN A 241 3.51 -4.05 -22.80
C ASN A 241 2.10 -3.50 -22.97
N PHE A 242 1.58 -2.85 -21.93
CA PHE A 242 0.33 -2.12 -22.03
C PHE A 242 0.58 -0.66 -21.71
N THR A 243 -0.46 0.16 -21.87
CA THR A 243 -0.38 1.55 -21.46
C THR A 243 -1.42 1.84 -20.39
N SER A 244 -1.33 3.05 -19.85
CA SER A 244 -2.24 3.49 -18.81
C SER A 244 -3.67 3.58 -19.34
N ASP A 245 -3.82 3.52 -20.66
CA ASP A 245 -5.16 3.54 -21.24
C ASP A 245 -5.91 2.24 -20.97
N HIS A 246 -5.17 1.18 -20.63
CA HIS A 246 -5.77 -0.12 -20.33
C HIS A 246 -5.86 -0.36 -18.83
N LEU A 247 -5.45 0.62 -18.05
CA LEU A 247 -5.43 0.47 -16.60
C LEU A 247 -6.74 0.93 -15.95
N MET A 248 -7.34 0.03 -15.16
CA MET A 248 -8.41 0.40 -14.27
C MET A 248 -7.88 0.24 -12.84
N ALA A 249 -8.13 1.23 -11.98
CA ALA A 249 -7.55 1.25 -10.64
C ALA A 249 -8.49 1.87 -9.62
N PHE A 250 -8.48 1.30 -8.40
CA PHE A 250 -9.34 1.75 -7.30
C PHE A 250 -8.51 2.18 -6.08
N GLY A 251 -8.90 3.26 -5.41
CA GLY A 251 -8.19 3.70 -4.22
C GLY A 251 -9.09 4.55 -3.33
N ASP A 252 -8.65 4.78 -2.10
CA ASP A 252 -9.37 5.64 -1.17
C ASP A 252 -8.43 6.51 -0.36
N GLY A 253 -7.12 6.46 -0.66
CA GLY A 253 -6.14 7.11 0.19
C GLY A 253 -5.06 7.95 -0.48
N GLY A 254 -4.38 8.77 0.30
CA GLY A 254 -3.31 9.61 -0.24
C GLY A 254 -2.28 8.81 -1.01
N ASN A 255 -1.90 7.66 -0.46
CA ASN A 255 -0.92 6.79 -1.11
C ASN A 255 -1.47 6.11 -2.39
N ASP A 256 -2.73 6.40 -2.74
CA ASP A 256 -3.32 5.91 -3.99
C ASP A 256 -3.30 6.97 -5.10
N ILE A 257 -2.86 8.18 -4.78
CA ILE A 257 -3.05 9.29 -5.73
C ILE A 257 -2.23 9.17 -7.01
N GLU A 258 -0.97 8.75 -6.94
CA GLU A 258 -0.19 8.58 -8.16
C GLU A 258 -0.79 7.46 -9.03
N MET A 259 -1.30 6.43 -8.37
CA MET A 259 -1.90 5.32 -9.11
C MET A 259 -3.16 5.75 -9.83
N LEU A 260 -4.00 6.50 -9.13
CA LEU A 260 -5.24 7.01 -9.68
C LEU A 260 -5.00 7.97 -10.84
N LYS A 261 -4.07 8.92 -10.67
CA LYS A 261 -3.74 9.83 -11.75
C LYS A 261 -3.23 9.07 -12.97
N LEU A 262 -2.54 7.95 -12.72
CA LEU A 262 -1.96 7.18 -13.81
C LEU A 262 -3.01 6.47 -14.65
N ALA A 263 -3.97 5.85 -13.97
CA ALA A 263 -4.95 4.99 -14.64
C ALA A 263 -5.96 5.82 -15.42
N LYS A 264 -6.20 5.45 -16.67
CA LYS A 264 -7.28 6.08 -17.41
C LYS A 264 -8.61 5.77 -16.72
N TYR A 265 -8.82 4.51 -16.33
CA TYR A 265 -10.05 4.14 -15.62
C TYR A 265 -9.88 4.12 -14.09
N SER A 266 -9.74 5.32 -13.55
CA SER A 266 -9.41 5.52 -12.14
C SER A 266 -10.67 5.78 -11.32
N TYR A 267 -10.83 4.97 -10.28
CA TYR A 267 -12.02 4.99 -9.43
C TYR A 267 -11.66 5.37 -8.00
N ALA A 268 -12.20 6.48 -7.50
CA ALA A 268 -12.17 6.76 -6.07
C ALA A 268 -13.40 6.16 -5.42
N MET A 269 -13.21 5.50 -4.28
CA MET A 269 -14.34 4.94 -3.55
C MET A 269 -15.23 6.07 -3.04
N ALA A 270 -16.53 5.82 -2.95
CA ALA A 270 -17.45 6.81 -2.40
C ALA A 270 -17.00 7.33 -1.03
N ASN A 271 -16.29 6.47 -0.28
CA ASN A 271 -15.81 6.84 1.08
C ASN A 271 -14.47 7.58 1.12
N ALA A 272 -13.84 7.76 -0.03
CA ALA A 272 -12.56 8.46 -0.06
C ALA A 272 -12.75 9.94 0.23
N PRO A 273 -11.69 10.62 0.69
CA PRO A 273 -11.72 12.06 0.97
C PRO A 273 -11.63 12.86 -0.31
N LYS A 274 -12.02 14.12 -0.23
CA LYS A 274 -12.08 14.99 -1.41
C LYS A 274 -10.83 14.97 -2.28
N ASN A 275 -9.67 15.05 -1.66
CA ASN A 275 -8.43 15.12 -2.43
C ASN A 275 -8.15 13.86 -3.25
N VAL A 276 -8.56 12.70 -2.73
CA VAL A 276 -8.38 11.45 -3.46
C VAL A 276 -9.43 11.35 -4.58
N LYS A 277 -10.63 11.83 -4.31
CA LYS A 277 -11.63 11.93 -5.37
C LYS A 277 -11.14 12.85 -6.48
N ALA A 278 -10.44 13.92 -6.11
CA ALA A 278 -9.92 14.86 -7.11
C ALA A 278 -8.99 14.18 -8.11
N ALA A 279 -8.31 13.11 -7.68
CA ALA A 279 -7.34 12.42 -8.51
C ALA A 279 -7.99 11.36 -9.42
N ALA A 280 -9.25 11.04 -9.17
CA ALA A 280 -9.95 10.00 -9.94
C ALA A 280 -10.86 10.58 -11.03
N ASN A 281 -11.09 9.79 -12.07
CA ASN A 281 -12.03 10.16 -13.13
C ASN A 281 -13.46 9.69 -12.84
N TYR A 282 -13.59 8.60 -12.11
CA TYR A 282 -14.89 8.02 -11.81
C TYR A 282 -15.04 7.80 -10.29
N GLN A 283 -16.27 7.74 -9.82
CA GLN A 283 -16.52 7.41 -8.41
C GLN A 283 -17.22 6.06 -8.31
N ALA A 284 -16.75 5.21 -7.40
CA ALA A 284 -17.39 3.92 -7.13
C ALA A 284 -18.31 4.05 -5.92
N LYS A 285 -19.11 3.03 -5.65
CA LYS A 285 -19.77 2.95 -4.35
C LYS A 285 -18.73 2.80 -3.25
N SER A 286 -19.18 2.72 -2.01
CA SER A 286 -18.25 2.65 -0.89
C SER A 286 -17.68 1.24 -0.76
N ASN A 287 -16.60 1.08 0.00
CA ASN A 287 -16.03 -0.23 0.22
C ASN A 287 -16.98 -1.13 0.99
N ASP A 288 -18.01 -0.53 1.63
CA ASP A 288 -18.99 -1.33 2.35
C ASP A 288 -20.19 -1.68 1.47
N GLU A 289 -20.13 -1.26 0.21
CA GLU A 289 -21.11 -1.75 -0.75
C GLU A 289 -20.43 -2.44 -1.92
N SER A 290 -19.33 -3.13 -1.65
CA SER A 290 -18.64 -3.88 -2.69
C SER A 290 -18.38 -3.01 -3.92
N GLY A 291 -17.91 -1.78 -3.69
CA GLY A 291 -17.75 -0.81 -4.75
C GLY A 291 -16.83 -1.28 -5.86
N VAL A 292 -15.79 -2.01 -5.49
CA VAL A 292 -14.83 -2.51 -6.47
C VAL A 292 -15.41 -3.61 -7.36
N LEU A 293 -16.02 -4.63 -6.75
CA LEU A 293 -16.53 -5.76 -7.51
C LEU A 293 -17.70 -5.30 -8.37
N ASP A 294 -18.43 -4.32 -7.85
CA ASP A 294 -19.60 -3.78 -8.56
C ASP A 294 -19.15 -3.20 -9.90
N VAL A 295 -18.11 -2.39 -9.87
CA VAL A 295 -17.58 -1.76 -11.07
C VAL A 295 -17.03 -2.82 -12.01
N ILE A 296 -16.35 -3.82 -11.46
CA ILE A 296 -15.79 -4.89 -12.29
C ILE A 296 -16.86 -5.73 -12.97
N ASP A 297 -17.89 -6.14 -12.22
CA ASP A 297 -19.02 -6.84 -12.82
C ASP A 297 -19.74 -6.00 -13.87
N ASN A 298 -19.78 -4.69 -13.64
CA ASN A 298 -20.34 -3.76 -14.62
C ASN A 298 -19.51 -3.79 -15.90
N TYR A 299 -18.19 -3.73 -15.74
CA TYR A 299 -17.31 -3.74 -16.92
C TYR A 299 -17.46 -5.05 -17.67
N LEU A 300 -17.40 -6.16 -16.94
CA LEU A 300 -17.55 -7.44 -17.53
C LEU A 300 -18.90 -7.56 -18.25
N ALA A 301 -19.96 -7.09 -17.59
CA ALA A 301 -21.29 -7.11 -18.13
C ALA A 301 -21.33 -6.36 -19.44
N SER A 302 -20.48 -5.35 -19.57
CA SER A 302 -20.19 -4.69 -20.83
C SER A 302 -19.44 -5.64 -21.80
#